data_1W7F
#
_entry.id   1W7F
#
_cell.length_a   46.896
_cell.length_b   104.655
_cell.length_c   63.766
_cell.angle_alpha   90.00
_cell.angle_beta   94.33
_cell.angle_gamma   90.00
#
_symmetry.space_group_name_H-M   'P 1 21 1'
#
loop_
_entity.id
_entity.type
_entity.pdbx_description
1 polymer BETA-LACTAMASE
2 non-polymer 'ISOCITRIC ACID'
3 water water
#
_entity_poly.entity_id   1
_entity_poly.type   'polypeptide(L)'
_entity_poly.pdbx_seq_one_letter_code
;MKLWFSTLKLKKAAAVLLFSCVALAGCANNQTNASQPAEKNEKTEMKDDFAKLEEQFDAKLGIFALDTGTNRTVTYRPDE
RFAFASTIKALTVGVLLQQKSIEDLNQRITYTRDDLVNYNPITEKHVDTGMTLKELADASLRYSDNTAQNLILKQIGGPE
SLKKELRKIGDEVTNPERFEPELNEVNPGETQDTSTARALATSLQAFALEDKLPSEKRELLIDWMKRNTTGDALIRAGVP
EGWEVADKTGAGSYGTRNDIAIIWPPKGDPVVLAVLSSRDKKDAKYDDKLIAEATKVVVKALNMNGK
;
_entity_poly.pdbx_strand_id   A,B
#
loop_
_chem_comp.id
_chem_comp.type
_chem_comp.name
_chem_comp.formula
ICT non-polymer 'ISOCITRIC ACID' 'C6 H8 O7'
#
# COMPACT_ATOMS: atom_id res chain seq x y z
N ASP A 48 -23.13 -13.22 -44.03
CA ASP A 48 -22.41 -14.50 -44.28
C ASP A 48 -23.23 -15.69 -43.79
N ASP A 49 -22.61 -16.86 -43.79
CA ASP A 49 -23.27 -18.09 -43.37
C ASP A 49 -23.92 -18.05 -41.98
N PHE A 50 -23.21 -17.49 -41.01
CA PHE A 50 -23.76 -17.40 -39.65
C PHE A 50 -24.92 -16.40 -39.53
N ALA A 51 -24.84 -15.27 -40.24
CA ALA A 51 -25.90 -14.29 -40.20
C ALA A 51 -27.16 -14.91 -40.80
N LYS A 52 -26.98 -15.71 -41.84
CA LYS A 52 -28.10 -16.36 -42.49
C LYS A 52 -28.78 -17.33 -41.54
N LEU A 53 -28.00 -17.94 -40.65
CA LEU A 53 -28.55 -18.88 -39.67
C LEU A 53 -29.34 -18.11 -38.61
N GLU A 54 -28.86 -16.93 -38.23
CA GLU A 54 -29.56 -16.12 -37.23
C GLU A 54 -30.92 -15.69 -37.79
N GLU A 55 -30.98 -15.54 -39.11
CA GLU A 55 -32.21 -15.16 -39.78
C GLU A 55 -33.17 -16.35 -39.87
N GLN A 56 -32.65 -17.51 -40.26
CA GLN A 56 -33.49 -18.70 -40.38
C GLN A 56 -34.04 -19.19 -39.06
N PHE A 57 -33.30 -18.94 -37.97
CA PHE A 57 -33.73 -19.40 -36.66
C PHE A 57 -34.13 -18.28 -35.72
N ASP A 58 -34.02 -17.04 -36.21
CA ASP A 58 -34.37 -15.88 -35.40
C ASP A 58 -33.75 -16.01 -34.02
N ALA A 59 -32.43 -16.11 -34.01
CA ALA A 59 -31.67 -16.23 -32.78
C ALA A 59 -30.34 -15.55 -33.00
N LYS A 60 -29.65 -15.25 -31.90
CA LYS A 60 -28.34 -14.63 -31.95
C LYS A 60 -27.33 -15.76 -31.72
N LEU A 61 -26.27 -15.78 -32.52
CA LEU A 61 -25.22 -16.81 -32.44
C LEU A 61 -23.90 -16.35 -31.84
N GLY A 62 -23.37 -17.15 -30.91
CA GLY A 62 -22.09 -16.84 -30.28
C GLY A 62 -21.17 -18.01 -30.62
N ILE A 63 -20.14 -17.75 -31.44
CA ILE A 63 -19.25 -18.81 -31.88
C ILE A 63 -17.75 -18.57 -31.76
N PHE A 64 -17.05 -19.54 -31.21
CA PHE A 64 -15.60 -19.50 -31.14
C PHE A 64 -15.07 -20.92 -31.34
N ALA A 65 -14.22 -21.08 -32.35
CA ALA A 65 -13.60 -22.36 -32.66
C ALA A 65 -12.11 -22.14 -32.89
N LEU A 66 -11.30 -23.02 -32.28
CA LEU A 66 -9.84 -22.95 -32.40
C LEU A 66 -9.24 -24.30 -32.77
N ASP A 67 -8.52 -24.32 -33.89
CA ASP A 67 -7.82 -25.54 -34.33
C ASP A 67 -6.50 -25.44 -33.56
N THR A 68 -6.35 -26.26 -32.52
CA THR A 68 -5.16 -26.22 -31.70
C THR A 68 -3.87 -26.60 -32.42
N GLY A 69 -3.99 -27.11 -33.66
CA GLY A 69 -2.80 -27.50 -34.39
C GLY A 69 -2.32 -26.47 -35.40
N THR A 70 -3.19 -25.51 -35.73
CA THR A 70 -2.84 -24.50 -36.72
C THR A 70 -3.10 -23.08 -36.21
N ASN A 71 -3.84 -22.99 -35.11
CA ASN A 71 -4.22 -21.70 -34.54
C ASN A 71 -5.18 -20.97 -35.43
N ARG A 72 -5.83 -21.69 -36.33
CA ARG A 72 -6.83 -21.09 -37.18
C ARG A 72 -8.11 -21.08 -36.35
N THR A 73 -8.88 -20.02 -36.47
CA THR A 73 -10.11 -19.92 -35.69
C THR A 73 -11.32 -19.56 -36.55
N VAL A 74 -12.50 -19.76 -35.97
CA VAL A 74 -13.75 -19.42 -36.63
C VAL A 74 -14.49 -18.68 -35.52
N THR A 75 -14.82 -17.42 -35.77
CA THR A 75 -15.51 -16.63 -34.76
C THR A 75 -16.70 -15.85 -35.31
N TYR A 76 -17.64 -15.56 -34.43
CA TYR A 76 -18.84 -14.83 -34.77
C TYR A 76 -19.42 -14.39 -33.42
N ARG A 77 -19.40 -13.08 -33.14
CA ARG A 77 -19.88 -12.55 -31.85
C ARG A 77 -19.18 -13.36 -30.77
N PRO A 78 -17.87 -13.62 -30.94
CA PRO A 78 -17.10 -14.41 -29.98
C PRO A 78 -17.01 -13.83 -28.57
N ASP A 79 -17.24 -12.53 -28.45
CA ASP A 79 -17.14 -11.89 -27.16
C ASP A 79 -18.45 -11.34 -26.61
N GLU A 80 -19.57 -11.68 -27.23
CA GLU A 80 -20.86 -11.23 -26.72
C GLU A 80 -21.29 -12.21 -25.64
N ARG A 81 -21.89 -11.68 -24.57
CA ARG A 81 -22.33 -12.51 -23.46
C ARG A 81 -23.61 -13.28 -23.70
N PHE A 82 -23.67 -14.49 -23.13
CA PHE A 82 -24.84 -15.36 -23.20
C PHE A 82 -24.88 -16.03 -21.84
N ALA A 83 -26.07 -16.43 -21.41
CA ALA A 83 -26.22 -17.15 -20.15
C ALA A 83 -25.52 -18.47 -20.47
N PHE A 84 -24.61 -18.93 -19.62
CA PHE A 84 -23.92 -20.16 -19.95
C PHE A 84 -24.76 -21.42 -19.71
N ALA A 85 -25.76 -21.32 -18.84
CA ALA A 85 -26.61 -22.46 -18.54
C ALA A 85 -25.73 -23.66 -18.10
N SER A 86 -26.16 -24.87 -18.42
CA SER A 86 -25.42 -26.06 -17.98
C SER A 86 -24.02 -26.30 -18.50
N THR A 87 -23.55 -25.49 -19.44
CA THR A 87 -22.19 -25.69 -19.93
C THR A 87 -21.24 -25.46 -18.75
N ILE A 88 -21.69 -24.70 -17.76
CA ILE A 88 -20.89 -24.39 -16.58
C ILE A 88 -20.56 -25.67 -15.79
N LYS A 89 -21.38 -26.70 -15.97
CA LYS A 89 -21.15 -27.98 -15.28
C LYS A 89 -19.80 -28.58 -15.66
N ALA A 90 -19.39 -28.40 -16.91
CA ALA A 90 -18.10 -28.92 -17.36
C ALA A 90 -16.94 -28.20 -16.67
N LEU A 91 -17.01 -26.88 -16.56
CA LEU A 91 -15.96 -26.12 -15.90
C LEU A 91 -15.96 -26.39 -14.40
N THR A 92 -17.14 -26.69 -13.85
CA THR A 92 -17.28 -26.98 -12.42
C THR A 92 -16.56 -28.28 -12.06
N VAL A 93 -16.71 -29.30 -12.91
CA VAL A 93 -16.02 -30.56 -12.69
C VAL A 93 -14.52 -30.33 -12.96
N GLY A 94 -14.19 -29.42 -13.87
CA GLY A 94 -12.80 -29.15 -14.15
C GLY A 94 -12.12 -28.62 -12.90
N VAL A 95 -12.81 -27.73 -12.18
CA VAL A 95 -12.28 -27.17 -10.95
C VAL A 95 -12.27 -28.23 -9.84
N LEU A 96 -13.29 -29.09 -9.83
CA LEU A 96 -13.36 -30.16 -8.84
C LEU A 96 -12.16 -31.10 -8.99
N LEU A 97 -11.79 -31.41 -10.24
CA LEU A 97 -10.67 -32.30 -10.50
C LEU A 97 -9.35 -31.63 -10.10
N GLN A 98 -9.37 -30.30 -10.04
CA GLN A 98 -8.20 -29.53 -9.64
C GLN A 98 -7.94 -29.66 -8.14
N GLN A 99 -9.02 -29.68 -7.37
CA GLN A 99 -8.95 -29.77 -5.92
C GLN A 99 -8.95 -31.16 -5.30
N LYS A 100 -9.62 -32.11 -5.94
CA LYS A 100 -9.73 -33.45 -5.39
C LYS A 100 -8.85 -34.48 -6.06
N SER A 101 -8.36 -35.43 -5.27
CA SER A 101 -7.56 -36.52 -5.80
C SER A 101 -8.58 -37.53 -6.31
N ILE A 102 -8.15 -38.51 -7.09
CA ILE A 102 -9.08 -39.51 -7.59
C ILE A 102 -9.71 -40.27 -6.41
N GLU A 103 -8.92 -40.49 -5.36
CA GLU A 103 -9.36 -41.17 -4.14
C GLU A 103 -10.48 -40.37 -3.46
N ASP A 104 -10.32 -39.05 -3.42
CA ASP A 104 -11.32 -38.16 -2.82
C ASP A 104 -12.68 -38.27 -3.48
N LEU A 105 -12.71 -38.65 -4.76
CA LEU A 105 -13.96 -38.76 -5.50
C LEU A 105 -14.86 -39.90 -5.01
N ASN A 106 -14.26 -40.85 -4.29
CA ASN A 106 -15.03 -41.97 -3.77
C ASN A 106 -15.82 -41.57 -2.53
N GLN A 107 -15.60 -40.36 -2.03
CA GLN A 107 -16.33 -39.89 -0.87
C GLN A 107 -17.83 -39.86 -1.17
N ARG A 108 -18.60 -40.51 -0.30
CA ARG A 108 -20.05 -40.56 -0.46
C ARG A 108 -20.71 -39.30 0.07
N ILE A 109 -21.54 -38.70 -0.76
CA ILE A 109 -22.24 -37.49 -0.39
C ILE A 109 -23.71 -37.86 -0.19
N THR A 110 -24.26 -37.53 0.97
CA THR A 110 -25.66 -37.83 1.22
C THR A 110 -26.48 -36.56 1.09
N TYR A 111 -27.77 -36.71 0.80
CA TYR A 111 -28.63 -35.57 0.64
C TYR A 111 -30.06 -36.06 0.85
N THR A 112 -31.03 -35.17 0.74
CA THR A 112 -32.43 -35.58 0.95
C THR A 112 -33.37 -35.08 -0.14
N ARG A 113 -34.61 -35.54 -0.08
CA ARG A 113 -35.63 -35.16 -1.06
C ARG A 113 -35.71 -33.65 -1.24
N ASP A 114 -35.41 -32.89 -0.19
CA ASP A 114 -35.47 -31.44 -0.26
C ASP A 114 -34.29 -30.79 -0.96
N ASP A 115 -33.15 -31.46 -0.94
CA ASP A 115 -31.97 -30.92 -1.61
C ASP A 115 -32.22 -30.96 -3.11
N LEU A 116 -33.04 -31.91 -3.55
CA LEU A 116 -33.37 -32.07 -4.96
C LEU A 116 -33.99 -30.81 -5.56
N VAL A 117 -33.55 -30.45 -6.76
CA VAL A 117 -34.10 -29.29 -7.42
C VAL A 117 -35.08 -29.68 -8.54
N ASN A 118 -35.02 -28.98 -9.67
CA ASN A 118 -35.95 -29.21 -10.77
C ASN A 118 -35.65 -30.30 -11.81
N TYR A 119 -34.38 -30.60 -12.02
CA TYR A 119 -34.03 -31.61 -13.01
C TYR A 119 -32.96 -32.51 -12.40
N ASN A 120 -33.38 -33.62 -11.81
CA ASN A 120 -32.47 -34.52 -11.13
C ASN A 120 -32.62 -35.95 -11.62
N PRO A 121 -32.43 -36.19 -12.92
CA PRO A 121 -32.55 -37.54 -13.50
C PRO A 121 -31.86 -38.68 -12.73
N ILE A 122 -30.62 -38.48 -12.33
CA ILE A 122 -29.89 -39.52 -11.60
C ILE A 122 -29.97 -39.42 -10.07
N THR A 123 -29.70 -38.22 -9.53
CA THR A 123 -29.71 -38.01 -8.09
C THR A 123 -31.04 -38.29 -7.36
N GLU A 124 -32.16 -38.12 -8.05
CA GLU A 124 -33.45 -38.35 -7.40
C GLU A 124 -33.71 -39.84 -7.16
N LYS A 125 -32.84 -40.69 -7.70
CA LYS A 125 -32.96 -42.14 -7.57
C LYS A 125 -31.99 -42.70 -6.55
N HIS A 126 -31.27 -41.84 -5.83
CA HIS A 126 -30.29 -42.31 -4.85
C HIS A 126 -30.31 -41.51 -3.55
N VAL A 127 -31.45 -40.85 -3.27
CA VAL A 127 -31.60 -40.06 -2.06
C VAL A 127 -31.33 -40.89 -0.80
N ASP A 128 -31.91 -42.09 -0.75
CA ASP A 128 -31.76 -42.97 0.39
C ASP A 128 -30.41 -43.66 0.53
N THR A 129 -29.48 -43.39 -0.38
CA THR A 129 -28.18 -44.03 -0.28
C THR A 129 -27.02 -43.07 -0.50
N GLY A 130 -27.32 -41.91 -1.08
CA GLY A 130 -26.28 -40.94 -1.36
C GLY A 130 -25.51 -41.34 -2.61
N MET A 131 -24.57 -40.52 -3.03
CA MET A 131 -23.76 -40.79 -4.23
C MET A 131 -22.32 -40.33 -3.99
N THR A 132 -21.35 -41.03 -4.57
CA THR A 132 -19.96 -40.61 -4.40
C THR A 132 -19.72 -39.38 -5.28
N LEU A 133 -18.63 -38.67 -5.05
CA LEU A 133 -18.37 -37.49 -5.86
C LEU A 133 -18.16 -37.88 -7.32
N LYS A 134 -17.57 -39.04 -7.55
CA LYS A 134 -17.31 -39.49 -8.92
C LYS A 134 -18.60 -39.76 -9.67
N GLU A 135 -19.59 -40.30 -8.96
CA GLU A 135 -20.90 -40.59 -9.52
C GLU A 135 -21.67 -39.29 -9.79
N LEU A 136 -21.52 -38.32 -8.89
CA LEU A 136 -22.19 -37.03 -9.06
C LEU A 136 -21.62 -36.30 -10.28
N ALA A 137 -20.31 -36.41 -10.48
CA ALA A 137 -19.63 -35.78 -11.62
C ALA A 137 -20.10 -36.42 -12.93
N ASP A 138 -20.30 -37.73 -12.91
CA ASP A 138 -20.75 -38.45 -14.09
C ASP A 138 -22.17 -38.01 -14.46
N ALA A 139 -23.05 -37.91 -13.47
CA ALA A 139 -24.44 -37.51 -13.70
C ALA A 139 -24.59 -36.04 -14.09
N SER A 140 -23.71 -35.17 -13.59
CA SER A 140 -23.79 -33.76 -13.93
C SER A 140 -23.37 -33.56 -15.38
N LEU A 141 -22.26 -34.17 -15.75
CA LEU A 141 -21.72 -34.05 -17.10
C LEU A 141 -22.48 -34.83 -18.19
N ARG A 142 -22.82 -36.09 -17.91
CA ARG A 142 -23.50 -36.92 -18.90
C ARG A 142 -25.01 -36.83 -18.96
N TYR A 143 -25.66 -36.46 -17.85
CA TYR A 143 -27.11 -36.31 -17.83
C TYR A 143 -27.56 -34.90 -17.48
N SER A 144 -26.58 -34.04 -17.22
CA SER A 144 -26.86 -32.63 -16.89
C SER A 144 -27.76 -32.52 -15.65
N ASP A 145 -27.54 -33.43 -14.69
CA ASP A 145 -28.29 -33.48 -13.45
C ASP A 145 -28.04 -32.19 -12.65
N ASN A 146 -29.11 -31.44 -12.36
CA ASN A 146 -28.99 -30.18 -11.62
C ASN A 146 -28.61 -30.27 -10.16
N THR A 147 -29.02 -31.34 -9.49
CA THR A 147 -28.69 -31.50 -8.08
C THR A 147 -27.24 -31.92 -7.97
N ALA A 148 -26.79 -32.76 -8.89
CA ALA A 148 -25.42 -33.22 -8.90
C ALA A 148 -24.50 -31.99 -9.00
N GLN A 149 -24.83 -31.07 -9.90
CA GLN A 149 -24.05 -29.84 -10.07
C GLN A 149 -24.02 -29.02 -8.77
N ASN A 150 -25.16 -28.93 -8.10
CA ASN A 150 -25.24 -28.16 -6.87
C ASN A 150 -24.39 -28.76 -5.76
N LEU A 151 -24.42 -30.07 -5.65
CA LEU A 151 -23.64 -30.77 -4.64
C LEU A 151 -22.15 -30.64 -4.95
N ILE A 152 -21.79 -30.69 -6.23
CA ILE A 152 -20.40 -30.55 -6.64
C ILE A 152 -19.95 -29.11 -6.35
N LEU A 153 -20.78 -28.17 -6.80
CA LEU A 153 -20.52 -26.74 -6.61
C LEU A 153 -20.26 -26.45 -5.13
N LYS A 154 -21.10 -27.02 -4.27
CA LYS A 154 -20.97 -26.84 -2.83
C LYS A 154 -19.61 -27.38 -2.38
N GLN A 155 -19.20 -28.50 -2.97
CA GLN A 155 -17.92 -29.14 -2.65
C GLN A 155 -16.70 -28.29 -2.93
N ILE A 156 -16.78 -27.45 -3.95
CA ILE A 156 -15.64 -26.61 -4.30
C ILE A 156 -15.70 -25.21 -3.71
N GLY A 157 -16.69 -24.95 -2.87
CA GLY A 157 -16.79 -23.63 -2.26
C GLY A 157 -17.87 -22.69 -2.75
N GLY A 158 -18.78 -23.19 -3.58
CA GLY A 158 -19.86 -22.35 -4.08
C GLY A 158 -19.50 -21.56 -5.31
N PRO A 159 -20.47 -20.86 -5.92
CA PRO A 159 -20.21 -20.06 -7.13
C PRO A 159 -19.05 -19.08 -7.04
N GLU A 160 -18.86 -18.46 -5.87
CA GLU A 160 -17.77 -17.51 -5.70
C GLU A 160 -16.39 -18.18 -5.82
N SER A 161 -16.27 -19.39 -5.26
CA SER A 161 -15.00 -20.12 -5.34
C SER A 161 -14.75 -20.52 -6.78
N LEU A 162 -15.81 -20.94 -7.47
CA LEU A 162 -15.69 -21.34 -8.86
C LEU A 162 -15.18 -20.13 -9.67
N LYS A 163 -15.72 -18.95 -9.38
CA LYS A 163 -15.28 -17.74 -10.08
C LYS A 163 -13.79 -17.45 -9.82
N LYS A 164 -13.39 -17.53 -8.56
CA LYS A 164 -11.99 -17.28 -8.19
C LYS A 164 -11.03 -18.20 -8.93
N GLU A 165 -11.38 -19.46 -8.99
CA GLU A 165 -10.55 -20.45 -9.67
C GLU A 165 -10.50 -20.22 -11.18
N LEU A 166 -11.61 -19.80 -11.79
CA LEU A 166 -11.61 -19.52 -13.22
C LEU A 166 -10.77 -18.28 -13.47
N ARG A 167 -10.85 -17.31 -12.55
CA ARG A 167 -10.06 -16.09 -12.66
C ARG A 167 -8.57 -16.46 -12.60
N LYS A 168 -8.24 -17.47 -11.81
CA LYS A 168 -6.85 -17.91 -11.67
C LYS A 168 -6.31 -18.48 -12.95
N ILE A 169 -7.11 -19.25 -13.67
CA ILE A 169 -6.64 -19.88 -14.91
C ILE A 169 -6.63 -18.93 -16.11
N GLY A 170 -6.99 -17.66 -15.89
CA GLY A 170 -6.99 -16.70 -16.97
C GLY A 170 -8.37 -16.32 -17.49
N ASP A 171 -9.41 -16.96 -16.96
CA ASP A 171 -10.79 -16.66 -17.38
C ASP A 171 -11.28 -15.46 -16.60
N GLU A 172 -11.32 -14.32 -17.25
CA GLU A 172 -11.75 -13.11 -16.59
C GLU A 172 -13.17 -12.71 -17.00
N VAL A 173 -13.82 -13.54 -17.81
CA VAL A 173 -15.17 -13.24 -18.31
C VAL A 173 -16.34 -13.97 -17.65
N THR A 174 -16.21 -15.29 -17.51
CA THR A 174 -17.26 -16.11 -16.93
C THR A 174 -17.63 -15.62 -15.53
N ASN A 175 -18.91 -15.40 -15.29
CA ASN A 175 -19.36 -14.87 -14.00
C ASN A 175 -20.40 -15.71 -13.24
N PRO A 176 -19.97 -16.84 -12.64
CA PRO A 176 -20.92 -17.68 -11.90
C PRO A 176 -21.36 -17.01 -10.62
N GLU A 177 -22.67 -17.00 -10.38
CA GLU A 177 -23.23 -16.37 -9.18
C GLU A 177 -24.25 -17.22 -8.41
N ARG A 178 -24.95 -18.10 -9.12
CA ARG A 178 -25.98 -18.89 -8.46
C ARG A 178 -25.90 -20.39 -8.68
N PHE A 179 -26.79 -21.09 -8.01
CA PHE A 179 -26.90 -22.52 -8.12
C PHE A 179 -27.99 -22.86 -9.14
N GLU A 180 -28.15 -24.15 -9.42
CA GLU A 180 -29.16 -24.61 -10.36
C GLU A 180 -30.48 -24.71 -9.59
N PRO A 181 -31.60 -24.35 -10.23
CA PRO A 181 -31.65 -23.86 -11.61
C PRO A 181 -31.73 -22.35 -11.75
N GLU A 182 -31.55 -21.62 -10.65
CA GLU A 182 -31.62 -20.15 -10.69
C GLU A 182 -30.65 -19.49 -11.64
N LEU A 183 -29.49 -20.12 -11.86
CA LEU A 183 -28.49 -19.53 -12.75
C LEU A 183 -28.99 -19.37 -14.20
N ASN A 184 -30.11 -20.00 -14.54
CA ASN A 184 -30.67 -19.89 -15.89
C ASN A 184 -31.52 -18.63 -16.06
N GLU A 185 -31.90 -18.04 -14.93
CA GLU A 185 -32.71 -16.81 -14.88
C GLU A 185 -31.85 -15.60 -15.24
N VAL A 186 -31.51 -15.43 -16.51
CA VAL A 186 -30.69 -14.28 -16.90
C VAL A 186 -31.44 -13.39 -17.87
N ASN A 187 -31.60 -12.13 -17.51
CA ASN A 187 -32.31 -11.18 -18.34
C ASN A 187 -31.34 -10.35 -19.16
N PRO A 188 -31.81 -9.79 -20.28
CA PRO A 188 -30.96 -8.98 -21.15
C PRO A 188 -30.19 -7.88 -20.41
N GLY A 189 -28.94 -7.71 -20.80
CA GLY A 189 -28.08 -6.70 -20.19
C GLY A 189 -27.31 -7.18 -18.98
N GLU A 190 -27.82 -8.25 -18.36
CA GLU A 190 -27.20 -8.81 -17.16
C GLU A 190 -26.00 -9.69 -17.45
N THR A 191 -25.02 -9.64 -16.55
CA THR A 191 -23.81 -10.44 -16.70
C THR A 191 -23.79 -11.62 -15.74
N GLN A 192 -24.68 -11.61 -14.75
CA GLN A 192 -24.71 -12.72 -13.80
C GLN A 192 -24.94 -14.03 -14.53
N ASP A 193 -24.09 -15.01 -14.23
CA ASP A 193 -24.18 -16.33 -14.85
C ASP A 193 -24.09 -16.31 -16.38
N THR A 194 -23.22 -15.46 -16.89
CA THR A 194 -22.99 -15.38 -18.32
C THR A 194 -21.50 -15.48 -18.62
N SER A 195 -21.20 -15.69 -19.89
CA SER A 195 -19.82 -15.77 -20.37
C SER A 195 -19.91 -15.56 -21.88
N THR A 196 -18.81 -15.78 -22.56
CA THR A 196 -18.77 -15.62 -24.01
C THR A 196 -18.26 -16.91 -24.64
N ALA A 197 -18.46 -17.04 -25.94
CA ALA A 197 -18.00 -18.22 -26.66
C ALA A 197 -16.48 -18.37 -26.51
N ARG A 198 -15.75 -17.26 -26.63
CA ARG A 198 -14.31 -17.30 -26.52
C ARG A 198 -13.85 -17.73 -25.13
N ALA A 199 -14.48 -17.18 -24.09
CA ALA A 199 -14.12 -17.51 -22.71
C ALA A 199 -14.48 -18.94 -22.32
N LEU A 200 -15.66 -19.39 -22.73
CA LEU A 200 -16.08 -20.76 -22.41
C LEU A 200 -15.23 -21.79 -23.15
N ALA A 201 -14.90 -21.53 -24.41
CA ALA A 201 -14.06 -22.42 -25.19
C ALA A 201 -12.64 -22.47 -24.61
N THR A 202 -12.11 -21.30 -24.28
CA THR A 202 -10.77 -21.18 -23.71
C THR A 202 -10.63 -21.90 -22.36
N SER A 203 -11.63 -21.72 -21.49
CA SER A 203 -11.61 -22.38 -20.19
C SER A 203 -11.73 -23.89 -20.36
N LEU A 204 -12.58 -24.34 -21.29
CA LEU A 204 -12.73 -25.77 -21.52
C LEU A 204 -11.39 -26.33 -22.02
N GLN A 205 -10.77 -25.57 -22.92
CA GLN A 205 -9.48 -25.94 -23.48
C GLN A 205 -8.46 -26.08 -22.36
N ALA A 206 -8.46 -25.11 -21.44
CA ALA A 206 -7.54 -25.08 -20.30
C ALA A 206 -7.57 -26.35 -19.44
N PHE A 207 -8.76 -26.84 -19.13
CA PHE A 207 -8.92 -28.03 -18.31
C PHE A 207 -8.79 -29.35 -19.06
N ALA A 208 -9.21 -29.38 -20.32
CA ALA A 208 -9.19 -30.61 -21.10
C ALA A 208 -7.96 -30.83 -21.97
N LEU A 209 -7.29 -29.75 -22.37
CA LEU A 209 -6.14 -29.89 -23.24
C LEU A 209 -4.84 -29.29 -22.77
N GLU A 210 -4.91 -28.28 -21.91
CA GLU A 210 -3.69 -27.62 -21.45
C GLU A 210 -2.95 -28.33 -20.32
N ASP A 211 -2.76 -27.64 -19.20
CA ASP A 211 -2.04 -28.20 -18.08
C ASP A 211 -2.65 -27.83 -16.75
N LYS A 212 -3.88 -27.32 -16.77
CA LYS A 212 -4.56 -26.94 -15.53
C LYS A 212 -4.89 -28.20 -14.73
N LEU A 213 -4.75 -29.36 -15.38
CA LEU A 213 -5.00 -30.65 -14.76
C LEU A 213 -3.97 -31.63 -15.32
N PRO A 214 -3.55 -32.62 -14.50
CA PRO A 214 -2.57 -33.60 -15.00
C PRO A 214 -3.25 -34.58 -15.95
N SER A 215 -2.52 -35.10 -16.94
CA SER A 215 -3.07 -36.01 -17.95
C SER A 215 -4.16 -36.98 -17.51
N GLU A 216 -3.92 -37.69 -16.41
CA GLU A 216 -4.89 -38.65 -15.91
C GLU A 216 -6.26 -38.03 -15.66
N LYS A 217 -6.28 -36.88 -14.97
CA LYS A 217 -7.52 -36.19 -14.68
C LYS A 217 -8.10 -35.62 -15.98
N ARG A 218 -7.21 -35.22 -16.88
CA ARG A 218 -7.59 -34.71 -18.19
C ARG A 218 -8.43 -35.76 -18.90
N GLU A 219 -7.88 -36.97 -18.95
CA GLU A 219 -8.52 -38.09 -19.61
C GLU A 219 -9.84 -38.40 -18.94
N LEU A 220 -9.89 -38.17 -17.63
CA LEU A 220 -11.10 -38.41 -16.86
C LEU A 220 -12.19 -37.48 -17.39
N LEU A 221 -11.90 -36.17 -17.39
CA LEU A 221 -12.85 -35.17 -17.87
C LEU A 221 -13.28 -35.47 -19.31
N ILE A 222 -12.32 -35.73 -20.18
CA ILE A 222 -12.61 -36.00 -21.58
C ILE A 222 -13.51 -37.23 -21.80
N ASP A 223 -13.25 -38.30 -21.07
CA ASP A 223 -14.04 -39.51 -21.20
C ASP A 223 -15.49 -39.33 -20.75
N TRP A 224 -15.72 -38.59 -19.68
CA TRP A 224 -17.08 -38.36 -19.26
C TRP A 224 -17.78 -37.57 -20.36
N MET A 225 -17.17 -36.48 -20.79
CA MET A 225 -17.76 -35.64 -21.83
C MET A 225 -17.93 -36.37 -23.16
N LYS A 226 -17.01 -37.27 -23.48
CA LYS A 226 -17.13 -38.02 -24.72
C LYS A 226 -18.41 -38.86 -24.67
N ARG A 227 -18.79 -39.28 -23.46
CA ARG A 227 -19.97 -40.10 -23.26
C ARG A 227 -21.20 -39.31 -22.79
N ASN A 228 -21.26 -38.03 -23.14
CA ASN A 228 -22.39 -37.20 -22.76
C ASN A 228 -23.60 -37.78 -23.48
N THR A 229 -24.77 -37.70 -22.85
CA THR A 229 -26.01 -38.24 -23.43
C THR A 229 -26.97 -37.19 -23.96
N THR A 230 -26.71 -35.92 -23.68
CA THR A 230 -27.62 -34.83 -24.06
C THR A 230 -27.35 -34.00 -25.30
N GLY A 231 -26.27 -34.28 -26.04
CA GLY A 231 -25.98 -33.46 -27.21
C GLY A 231 -25.95 -34.11 -28.58
N ASP A 232 -26.73 -35.17 -28.75
CA ASP A 232 -26.77 -35.88 -30.02
C ASP A 232 -27.25 -35.03 -31.19
N ALA A 233 -28.11 -34.05 -30.91
CA ALA A 233 -28.67 -33.18 -31.95
C ALA A 233 -27.94 -31.85 -32.13
N LEU A 234 -26.88 -31.64 -31.34
CA LEU A 234 -26.13 -30.39 -31.38
C LEU A 234 -24.81 -30.50 -32.14
N ILE A 235 -23.69 -30.21 -31.48
CA ILE A 235 -22.39 -30.27 -32.14
C ILE A 235 -22.17 -31.64 -32.76
N ARG A 236 -22.56 -32.70 -32.07
CA ARG A 236 -22.41 -34.07 -32.59
C ARG A 236 -23.06 -34.26 -33.95
N ALA A 237 -24.18 -33.59 -34.18
CA ALA A 237 -24.91 -33.69 -35.44
C ALA A 237 -24.38 -32.76 -36.54
N GLY A 238 -23.29 -32.05 -36.25
CA GLY A 238 -22.73 -31.13 -37.22
C GLY A 238 -21.30 -31.44 -37.64
N VAL A 239 -20.76 -32.56 -37.16
CA VAL A 239 -19.40 -32.93 -37.54
C VAL A 239 -19.48 -34.19 -38.41
N PRO A 240 -18.49 -34.38 -39.31
CA PRO A 240 -18.43 -35.53 -40.21
C PRO A 240 -18.25 -36.84 -39.47
N GLU A 241 -18.57 -37.95 -40.12
CA GLU A 241 -18.42 -39.26 -39.49
C GLU A 241 -16.95 -39.47 -39.18
N GLY A 242 -16.66 -40.20 -38.12
CA GLY A 242 -15.28 -40.45 -37.76
C GLY A 242 -14.73 -39.46 -36.76
N TRP A 243 -15.40 -38.32 -36.61
CA TRP A 243 -14.97 -37.27 -35.68
C TRP A 243 -15.45 -37.57 -34.27
N GLU A 244 -14.53 -37.49 -33.31
CA GLU A 244 -14.85 -37.76 -31.91
C GLU A 244 -15.26 -36.45 -31.24
N VAL A 245 -16.33 -36.47 -30.44
CA VAL A 245 -16.81 -35.26 -29.75
C VAL A 245 -16.96 -35.46 -28.23
N ALA A 246 -16.47 -34.49 -27.46
CA ALA A 246 -16.61 -34.50 -26.00
C ALA A 246 -17.29 -33.17 -25.77
N ASP A 247 -18.57 -33.18 -25.41
CA ASP A 247 -19.29 -31.93 -25.24
C ASP A 247 -20.11 -31.81 -23.97
N LYS A 248 -20.61 -30.60 -23.73
CA LYS A 248 -21.51 -30.30 -22.61
C LYS A 248 -22.50 -29.27 -23.11
N THR A 249 -23.77 -29.63 -23.08
CA THR A 249 -24.86 -28.76 -23.54
C THR A 249 -25.43 -27.85 -22.47
N GLY A 250 -26.29 -26.93 -22.91
CA GLY A 250 -26.94 -26.01 -22.01
C GLY A 250 -28.19 -25.43 -22.65
N ALA A 251 -29.16 -25.05 -21.82
CA ALA A 251 -30.41 -24.44 -22.29
C ALA A 251 -30.89 -23.50 -21.18
N GLY A 252 -31.27 -22.28 -21.55
CA GLY A 252 -31.72 -21.33 -20.55
C GLY A 252 -32.91 -20.51 -20.99
N SER A 253 -33.18 -19.42 -20.28
CA SER A 253 -34.32 -18.57 -20.62
C SER A 253 -33.96 -17.82 -21.88
N TYR A 254 -34.96 -17.20 -22.49
CA TYR A 254 -34.77 -16.46 -23.74
C TYR A 254 -34.32 -17.42 -24.83
N GLY A 255 -34.77 -18.67 -24.72
CA GLY A 255 -34.41 -19.68 -25.70
C GLY A 255 -32.93 -19.94 -25.84
N THR A 256 -32.19 -19.75 -24.76
CA THR A 256 -30.74 -19.99 -24.77
C THR A 256 -30.46 -21.47 -24.99
N ARG A 257 -29.58 -21.76 -25.94
CA ARG A 257 -29.22 -23.14 -26.28
C ARG A 257 -27.76 -23.13 -26.64
N ASN A 258 -26.94 -23.77 -25.81
CA ASN A 258 -25.50 -23.79 -26.02
C ASN A 258 -24.88 -25.19 -26.04
N ASP A 259 -23.68 -25.27 -26.58
CA ASP A 259 -22.94 -26.52 -26.60
C ASP A 259 -21.46 -26.14 -26.74
N ILE A 260 -20.63 -26.72 -25.87
CA ILE A 260 -19.20 -26.45 -25.93
C ILE A 260 -18.53 -27.82 -26.02
N ALA A 261 -17.44 -27.91 -26.76
CA ALA A 261 -16.81 -29.21 -26.91
C ALA A 261 -15.38 -29.20 -27.39
N ILE A 262 -14.78 -30.38 -27.34
CA ILE A 262 -13.45 -30.62 -27.87
C ILE A 262 -13.77 -31.70 -28.89
N ILE A 263 -13.45 -31.46 -30.17
CA ILE A 263 -13.72 -32.43 -31.21
C ILE A 263 -12.43 -32.81 -31.94
N TRP A 264 -12.25 -34.10 -32.18
CA TRP A 264 -11.06 -34.59 -32.83
C TRP A 264 -11.33 -35.15 -34.21
N PRO A 265 -10.69 -34.57 -35.24
CA PRO A 265 -10.92 -35.07 -36.59
C PRO A 265 -10.29 -36.46 -36.62
N PRO A 266 -10.69 -37.30 -37.58
CA PRO A 266 -10.09 -38.63 -37.61
C PRO A 266 -8.57 -38.45 -37.70
N LYS A 267 -8.18 -37.43 -38.46
CA LYS A 267 -6.79 -37.09 -38.70
C LYS A 267 -6.51 -35.62 -38.39
N GLY A 268 -5.72 -35.38 -37.34
CA GLY A 268 -5.39 -34.01 -36.96
C GLY A 268 -5.53 -33.72 -35.48
N ASP A 269 -5.13 -32.51 -35.09
CA ASP A 269 -5.21 -32.06 -33.70
C ASP A 269 -6.64 -31.67 -33.30
N PRO A 270 -6.90 -31.62 -32.00
CA PRO A 270 -8.24 -31.26 -31.55
C PRO A 270 -8.67 -29.82 -31.83
N VAL A 271 -9.98 -29.68 -31.98
CA VAL A 271 -10.60 -28.40 -32.23
C VAL A 271 -11.42 -28.07 -30.99
N VAL A 272 -11.28 -26.85 -30.49
CA VAL A 272 -12.06 -26.41 -29.32
C VAL A 272 -13.18 -25.55 -29.90
N LEU A 273 -14.42 -25.82 -29.49
CA LEU A 273 -15.56 -25.08 -30.03
C LEU A 273 -16.66 -24.76 -29.03
N ALA A 274 -17.16 -23.53 -29.09
CA ALA A 274 -18.26 -23.10 -28.24
C ALA A 274 -19.28 -22.49 -29.19
N VAL A 275 -20.50 -23.01 -29.16
CA VAL A 275 -21.58 -22.49 -29.99
C VAL A 275 -22.69 -22.10 -29.02
N LEU A 276 -22.92 -20.80 -28.88
CA LEU A 276 -23.92 -20.29 -27.98
C LEU A 276 -25.05 -19.61 -28.77
N SER A 277 -26.22 -19.51 -28.17
CA SER A 277 -27.35 -18.85 -28.82
C SER A 277 -28.40 -18.43 -27.82
N SER A 278 -29.17 -17.42 -28.20
CA SER A 278 -30.25 -16.90 -27.38
C SER A 278 -31.27 -16.27 -28.33
N ARG A 279 -32.44 -15.96 -27.82
CA ARG A 279 -33.47 -15.36 -28.64
C ARG A 279 -34.03 -14.17 -27.87
N ASP A 280 -34.93 -13.40 -28.48
CA ASP A 280 -35.43 -12.22 -27.78
C ASP A 280 -36.61 -12.40 -26.84
N LYS A 281 -37.39 -13.46 -27.05
CA LYS A 281 -38.54 -13.71 -26.18
C LYS A 281 -38.07 -14.51 -24.97
N LYS A 282 -38.44 -14.06 -23.77
CA LYS A 282 -38.02 -14.76 -22.56
C LYS A 282 -38.46 -16.22 -22.55
N ASP A 283 -39.65 -16.47 -23.08
CA ASP A 283 -40.20 -17.83 -23.13
C ASP A 283 -39.97 -18.52 -24.47
N ALA A 284 -39.10 -17.95 -25.32
CA ALA A 284 -38.85 -18.54 -26.62
C ALA A 284 -38.36 -19.97 -26.55
N LYS A 285 -38.74 -20.75 -27.55
CA LYS A 285 -38.34 -22.13 -27.67
C LYS A 285 -37.09 -22.13 -28.53
N TYR A 286 -36.19 -23.07 -28.29
CA TYR A 286 -34.98 -23.14 -29.09
C TYR A 286 -35.09 -24.29 -30.10
N ASP A 287 -34.24 -24.28 -31.11
CA ASP A 287 -34.20 -25.34 -32.11
C ASP A 287 -32.77 -25.89 -32.18
N ASP A 288 -32.57 -27.15 -31.81
CA ASP A 288 -31.23 -27.75 -31.83
C ASP A 288 -30.55 -27.68 -33.20
N LYS A 289 -31.35 -27.68 -34.27
CA LYS A 289 -30.83 -27.60 -35.63
C LYS A 289 -29.89 -26.43 -35.85
N LEU A 290 -30.11 -25.33 -35.12
CA LEU A 290 -29.24 -24.16 -35.24
C LEU A 290 -27.80 -24.47 -34.85
N ILE A 291 -27.61 -25.24 -33.78
CA ILE A 291 -26.26 -25.60 -33.32
C ILE A 291 -25.60 -26.56 -34.30
N ALA A 292 -26.33 -27.57 -34.74
CA ALA A 292 -25.77 -28.53 -35.69
C ALA A 292 -25.32 -27.84 -36.98
N GLU A 293 -26.14 -26.91 -37.48
CA GLU A 293 -25.84 -26.17 -38.71
C GLU A 293 -24.64 -25.26 -38.54
N ALA A 294 -24.60 -24.56 -37.42
CA ALA A 294 -23.48 -23.66 -37.12
C ALA A 294 -22.20 -24.47 -37.10
N THR A 295 -22.27 -25.68 -36.55
CA THR A 295 -21.12 -26.56 -36.46
C THR A 295 -20.67 -26.98 -37.86
N LYS A 296 -21.61 -27.24 -38.76
CA LYS A 296 -21.23 -27.62 -40.12
C LYS A 296 -20.46 -26.45 -40.73
N VAL A 297 -20.95 -25.24 -40.53
CA VAL A 297 -20.28 -24.05 -41.06
C VAL A 297 -18.85 -23.98 -40.50
N VAL A 298 -18.69 -24.24 -39.21
CA VAL A 298 -17.38 -24.20 -38.57
C VAL A 298 -16.45 -25.28 -39.15
N VAL A 299 -16.94 -26.50 -39.26
CA VAL A 299 -16.14 -27.59 -39.82
C VAL A 299 -15.72 -27.23 -41.25
N LYS A 300 -16.68 -26.74 -42.03
CA LYS A 300 -16.47 -26.35 -43.42
C LYS A 300 -15.36 -25.30 -43.55
N ALA A 301 -15.43 -24.27 -42.71
CA ALA A 301 -14.46 -23.18 -42.72
C ALA A 301 -13.04 -23.58 -42.29
N LEU A 302 -12.95 -24.44 -41.28
CA LEU A 302 -11.66 -24.90 -40.79
C LEU A 302 -10.91 -25.77 -41.76
N ASN A 303 -11.55 -26.57 -42.49
N ASP B 48 45.97 25.30 30.40
CA ASP B 48 45.78 25.80 29.00
C ASP B 48 44.96 27.08 28.99
N ASP B 49 44.52 27.50 27.81
CA ASP B 49 43.74 28.72 27.66
C ASP B 49 42.32 28.65 28.22
N PHE B 50 41.65 27.53 28.00
CA PHE B 50 40.28 27.38 28.51
C PHE B 50 40.28 27.38 30.05
N ALA B 51 41.27 26.71 30.63
CA ALA B 51 41.40 26.66 32.09
C ALA B 51 41.61 28.06 32.63
N LYS B 52 42.46 28.85 31.98
CA LYS B 52 42.71 30.23 32.40
C LYS B 52 41.40 31.02 32.39
N LEU B 53 40.64 30.86 31.32
CA LEU B 53 39.37 31.55 31.16
C LEU B 53 38.40 31.18 32.30
N GLU B 54 38.41 29.90 32.67
CA GLU B 54 37.56 29.40 33.74
C GLU B 54 37.95 30.04 35.06
N GLU B 55 39.25 30.16 35.29
CA GLU B 55 39.74 30.77 36.51
C GLU B 55 39.44 32.26 36.51
N GLN B 56 39.83 32.94 35.44
CA GLN B 56 39.59 34.37 35.34
C GLN B 56 38.12 34.75 35.55
N PHE B 57 37.22 34.03 34.90
CA PHE B 57 35.80 34.34 35.00
C PHE B 57 35.06 33.60 36.11
N ASP B 58 35.78 32.77 36.86
CA ASP B 58 35.15 32.01 37.94
C ASP B 58 33.94 31.26 37.41
N ALA B 59 34.16 30.46 36.37
CA ALA B 59 33.07 29.72 35.76
C ALA B 59 33.59 28.44 35.18
N LYS B 60 32.67 27.59 34.72
CA LYS B 60 33.03 26.31 34.12
C LYS B 60 32.66 26.35 32.63
N LEU B 61 33.56 25.88 31.78
CA LEU B 61 33.33 25.88 30.34
C LEU B 61 33.11 24.49 29.74
N GLY B 62 32.17 24.43 28.80
CA GLY B 62 31.87 23.19 28.10
C GLY B 62 32.07 23.52 26.63
N ILE B 63 33.02 22.86 25.98
CA ILE B 63 33.29 23.18 24.59
C ILE B 63 33.44 22.00 23.63
N PHE B 64 32.87 22.17 22.44
CA PHE B 64 32.99 21.20 21.37
C PHE B 64 32.84 21.93 20.04
N ALA B 65 33.90 21.91 19.25
CA ALA B 65 33.91 22.55 17.95
C ALA B 65 34.38 21.49 16.95
N LEU B 66 33.75 21.45 15.79
CA LEU B 66 34.11 20.48 14.76
C LEU B 66 34.22 21.13 13.39
N ASP B 67 35.37 20.96 12.75
CA ASP B 67 35.56 21.49 11.41
C ASP B 67 35.07 20.34 10.54
N THR B 68 33.90 20.51 9.92
CA THR B 68 33.34 19.46 9.11
C THR B 68 34.15 19.10 7.85
N GLY B 69 35.13 19.90 7.50
CA GLY B 69 35.93 19.60 6.32
C GLY B 69 37.19 18.79 6.62
N THR B 70 37.66 18.84 7.85
CA THR B 70 38.88 18.14 8.23
C THR B 70 38.69 17.16 9.39
N ASN B 71 37.54 17.25 10.05
CA ASN B 71 37.25 16.42 11.21
C ASN B 71 38.19 16.74 12.37
N ARG B 72 38.70 17.97 12.35
CA ARG B 72 39.55 18.44 13.43
C ARG B 72 38.54 19.03 14.42
N THR B 73 38.80 18.82 15.70
CA THR B 73 37.90 19.31 16.73
C THR B 73 38.64 20.04 17.83
N VAL B 74 37.90 20.76 18.65
CA VAL B 74 38.46 21.48 19.79
C VAL B 74 37.49 21.14 20.89
N THR B 75 37.97 20.51 21.95
CA THR B 75 37.11 20.15 23.05
C THR B 75 37.66 20.54 24.43
N TYR B 76 36.73 20.70 25.37
CA TYR B 76 37.04 21.04 26.75
C TYR B 76 35.76 20.68 27.51
N ARG B 77 35.86 19.68 28.39
CA ARG B 77 34.69 19.18 29.14
C ARG B 77 33.53 19.02 28.14
N PRO B 78 33.79 18.41 26.97
CA PRO B 78 32.78 18.21 25.94
C PRO B 78 31.59 17.37 26.39
N ASP B 79 31.79 16.55 27.41
CA ASP B 79 30.74 15.67 27.90
C ASP B 79 30.18 15.98 29.27
N GLU B 80 30.40 17.20 29.77
CA GLU B 80 29.86 17.59 31.06
C GLU B 80 28.53 18.27 30.78
N ARG B 81 27.53 17.99 31.61
CA ARG B 81 26.20 18.57 31.44
C ARG B 81 26.09 20.01 31.93
N PHE B 82 25.25 20.78 31.25
CA PHE B 82 24.97 22.17 31.59
C PHE B 82 23.50 22.30 31.23
N ALA B 83 22.77 23.16 31.94
CA ALA B 83 21.36 23.37 31.61
C ALA B 83 21.48 23.95 30.21
N PHE B 84 20.74 23.41 29.24
CA PHE B 84 20.87 23.95 27.88
C PHE B 84 20.19 25.30 27.68
N ALA B 85 19.23 25.63 28.54
CA ALA B 85 18.51 26.89 28.44
C ALA B 85 17.91 27.08 27.04
N SER B 86 17.86 28.33 26.56
CA SER B 86 17.26 28.65 25.27
C SER B 86 17.91 28.06 24.02
N THR B 87 19.07 27.44 24.17
CA THR B 87 19.75 26.83 23.01
C THR B 87 18.86 25.69 22.50
N ILE B 88 17.95 25.23 23.36
CA ILE B 88 17.02 24.15 23.02
C ILE B 88 16.03 24.61 21.93
N LYS B 89 15.82 25.92 21.83
CA LYS B 89 14.89 26.46 20.84
C LYS B 89 15.30 26.11 19.41
N ALA B 90 16.60 26.02 19.16
CA ALA B 90 17.08 25.66 17.82
C ALA B 90 16.71 24.20 17.51
N LEU B 91 16.92 23.30 18.47
CA LEU B 91 16.59 21.87 18.30
C LEU B 91 15.08 21.63 18.20
N THR B 92 14.31 22.49 18.86
CA THR B 92 12.85 22.38 18.84
C THR B 92 12.31 22.66 17.42
N VAL B 93 12.82 23.73 16.81
CA VAL B 93 12.43 24.09 15.45
C VAL B 93 12.96 23.04 14.45
N GLY B 94 14.10 22.43 14.77
CA GLY B 94 14.64 21.41 13.90
C GLY B 94 13.63 20.29 13.80
N VAL B 95 13.05 19.93 14.95
CA VAL B 95 12.05 18.87 15.03
C VAL B 95 10.72 19.31 14.41
N LEU B 96 10.38 20.59 14.55
CA LEU B 96 9.14 21.09 13.97
C LEU B 96 9.19 20.93 12.45
N LEU B 97 10.29 21.37 11.84
CA LEU B 97 10.49 21.27 10.41
C LEU B 97 10.56 19.82 9.98
N GLN B 98 10.93 18.97 10.93
CA GLN B 98 11.06 17.54 10.68
C GLN B 98 9.70 16.87 10.50
N GLN B 99 8.68 17.38 11.19
CA GLN B 99 7.35 16.80 11.13
C GLN B 99 6.42 17.48 10.14
N LYS B 100 6.43 18.81 10.16
CA LYS B 100 5.57 19.59 9.29
C LYS B 100 6.28 20.01 7.99
N SER B 101 5.50 20.19 6.92
CA SER B 101 6.06 20.62 5.63
C SER B 101 6.11 22.14 5.63
N ILE B 102 6.79 22.73 4.66
CA ILE B 102 6.90 24.18 4.59
C ILE B 102 5.53 24.83 4.48
N GLU B 103 4.58 24.11 3.89
CA GLU B 103 3.23 24.62 3.74
C GLU B 103 2.53 24.62 5.11
N ASP B 104 2.73 23.54 5.85
CA ASP B 104 2.15 23.39 7.18
C ASP B 104 2.63 24.51 8.12
N LEU B 105 3.75 25.13 7.74
CA LEU B 105 4.31 26.19 8.54
C LEU B 105 3.43 27.42 8.49
N ASN B 106 2.61 27.51 7.44
CA ASN B 106 1.70 28.63 7.27
C ASN B 106 0.45 28.46 8.13
N GLN B 107 0.34 27.31 8.77
CA GLN B 107 -0.78 27.03 9.64
C GLN B 107 -0.83 28.08 10.73
N ARG B 108 -1.84 28.95 10.68
CA ARG B 108 -1.98 30.00 11.68
C ARG B 108 -2.34 29.37 13.01
N ILE B 109 -1.69 29.85 14.07
CA ILE B 109 -1.93 29.34 15.42
C ILE B 109 -2.39 30.49 16.32
N THR B 110 -3.41 30.23 17.12
CA THR B 110 -3.94 31.26 18.02
C THR B 110 -3.47 31.04 19.46
N TYR B 111 -3.85 31.95 20.34
CA TYR B 111 -3.48 31.87 21.74
C TYR B 111 -3.97 33.14 22.43
N THR B 112 -4.06 33.12 23.76
CA THR B 112 -4.54 34.28 24.50
C THR B 112 -3.46 34.93 25.35
N ARG B 113 -3.87 35.92 26.13
CA ARG B 113 -2.97 36.65 27.02
C ARG B 113 -2.47 35.79 28.18
N ASP B 114 -3.19 34.72 28.46
CA ASP B 114 -2.81 33.82 29.55
C ASP B 114 -1.87 32.77 29.01
N ASP B 115 -1.66 32.79 27.69
CA ASP B 115 -0.76 31.87 27.02
C ASP B 115 0.64 32.46 27.02
N LEU B 116 0.72 33.76 27.27
CA LEU B 116 2.01 34.45 27.30
C LEU B 116 2.73 34.19 28.63
N VAL B 117 4.04 33.97 28.57
CA VAL B 117 4.85 33.71 29.75
C VAL B 117 5.64 34.94 30.21
N ASN B 118 6.94 34.78 30.45
CA ASN B 118 7.76 35.89 30.94
C ASN B 118 8.63 36.58 29.88
N TYR B 119 8.40 36.29 28.60
CA TYR B 119 9.21 36.91 27.58
C TYR B 119 8.56 36.67 26.23
N ASN B 120 7.74 37.63 25.80
CA ASN B 120 7.01 37.49 24.55
C ASN B 120 7.18 38.69 23.61
N PRO B 121 8.44 39.10 23.36
CA PRO B 121 8.76 40.23 22.49
C PRO B 121 7.94 40.31 21.19
N ILE B 122 7.62 39.16 20.63
CA ILE B 122 6.86 39.10 19.39
C ILE B 122 5.44 38.57 19.59
N THR B 123 5.30 37.51 20.38
CA THR B 123 4.00 36.89 20.64
C THR B 123 2.96 37.82 21.28
N GLU B 124 3.43 38.80 22.06
CA GLU B 124 2.53 39.73 22.72
C GLU B 124 1.84 40.67 21.73
N LYS B 125 2.51 40.92 20.62
CA LYS B 125 1.99 41.81 19.59
C LYS B 125 0.88 41.18 18.75
N HIS B 126 0.61 39.90 18.96
CA HIS B 126 -0.41 39.21 18.19
C HIS B 126 -1.32 38.34 19.06
N VAL B 127 -1.60 38.80 20.27
CA VAL B 127 -2.45 38.05 21.19
C VAL B 127 -3.85 37.87 20.63
N ASP B 128 -4.08 38.41 19.44
CA ASP B 128 -5.38 38.32 18.79
C ASP B 128 -5.26 38.07 17.29
N THR B 129 -4.14 38.50 16.72
CA THR B 129 -3.87 38.33 15.30
C THR B 129 -3.53 36.88 15.02
N GLY B 130 -3.01 36.20 16.04
CA GLY B 130 -2.61 34.82 15.88
C GLY B 130 -1.32 34.79 15.09
N MET B 131 -0.60 33.69 15.13
CA MET B 131 0.65 33.59 14.39
C MET B 131 0.83 32.23 13.76
N THR B 132 1.34 32.21 12.53
CA THR B 132 1.56 30.96 11.83
C THR B 132 2.75 30.25 12.47
N LEU B 133 2.90 28.97 12.20
CA LEU B 133 4.01 28.21 12.76
C LEU B 133 5.33 28.83 12.30
N LYS B 134 5.40 29.20 11.03
CA LYS B 134 6.60 29.79 10.47
C LYS B 134 7.00 31.07 11.20
N GLU B 135 6.00 31.90 11.51
CA GLU B 135 6.24 33.16 12.22
C GLU B 135 6.66 32.88 13.66
N LEU B 136 6.21 31.75 14.20
CA LEU B 136 6.54 31.36 15.57
C LEU B 136 7.99 30.93 15.68
N ALA B 137 8.46 30.16 14.70
CA ALA B 137 9.84 29.70 14.67
C ALA B 137 10.79 30.89 14.52
N ASP B 138 10.38 31.88 13.74
CA ASP B 138 11.18 33.07 13.51
C ASP B 138 11.40 33.88 14.79
N ALA B 139 10.34 34.03 15.58
CA ALA B 139 10.43 34.79 16.83
C ALA B 139 11.24 34.04 17.90
N SER B 140 11.06 32.73 17.97
CA SER B 140 11.79 31.91 18.95
C SER B 140 13.28 31.91 18.66
N LEU B 141 13.64 31.66 17.41
CA LEU B 141 15.05 31.63 17.03
C LEU B 141 15.69 33.00 17.00
N ARG B 142 15.02 33.96 16.37
CA ARG B 142 15.55 35.32 16.24
C ARG B 142 15.46 36.23 17.46
N TYR B 143 14.46 36.03 18.29
CA TYR B 143 14.32 36.87 19.47
C TYR B 143 14.30 36.11 20.78
N SER B 144 14.36 34.78 20.68
CA SER B 144 14.32 33.91 21.85
C SER B 144 13.01 34.11 22.61
N ASP B 145 11.94 34.29 21.86
CA ASP B 145 10.59 34.49 22.41
C ASP B 145 10.17 33.20 23.15
N ASN B 146 9.94 33.30 24.47
CA ASN B 146 9.55 32.13 25.24
C ASN B 146 8.20 31.51 24.91
N THR B 147 7.19 32.34 24.67
CA THR B 147 5.87 31.84 24.33
C THR B 147 5.91 31.12 23.00
N ALA B 148 6.74 31.61 22.08
CA ALA B 148 6.88 30.98 20.76
C ALA B 148 7.42 29.56 20.93
N GLN B 149 8.40 29.40 21.82
CA GLN B 149 8.99 28.10 22.10
C GLN B 149 7.90 27.15 22.61
N ASN B 150 7.14 27.63 23.59
CA ASN B 150 6.07 26.85 24.20
C ASN B 150 5.01 26.39 23.20
N LEU B 151 4.55 27.30 22.35
CA LEU B 151 3.54 26.94 21.36
C LEU B 151 4.10 25.94 20.35
N ILE B 152 5.34 26.16 19.90
CA ILE B 152 5.95 25.23 18.95
C ILE B 152 6.19 23.88 19.63
N LEU B 153 6.66 23.92 20.89
CA LEU B 153 6.91 22.70 21.65
C LEU B 153 5.63 21.87 21.77
N LYS B 154 4.52 22.53 22.08
CA LYS B 154 3.25 21.83 22.21
C LYS B 154 2.87 21.22 20.88
N GLN B 155 3.09 21.97 19.80
CA GLN B 155 2.77 21.50 18.46
C GLN B 155 3.48 20.21 18.09
N ILE B 156 4.73 20.07 18.51
CA ILE B 156 5.49 18.88 18.17
C ILE B 156 5.29 17.75 19.18
N GLY B 157 4.43 17.99 20.17
CA GLY B 157 4.13 16.96 21.17
C GLY B 157 4.61 17.15 22.61
N GLY B 158 5.34 18.22 22.88
CA GLY B 158 5.81 18.44 24.23
C GLY B 158 7.25 17.96 24.41
N PRO B 159 7.87 18.26 25.57
CA PRO B 159 9.26 17.85 25.84
C PRO B 159 9.58 16.37 25.60
N GLU B 160 8.62 15.49 25.86
CA GLU B 160 8.85 14.06 25.65
C GLU B 160 8.89 13.72 24.17
N SER B 161 8.17 14.48 23.35
CA SER B 161 8.16 14.26 21.91
C SER B 161 9.50 14.75 21.39
N LEU B 162 9.92 15.89 21.91
CA LEU B 162 11.20 16.46 21.52
C LEU B 162 12.31 15.47 21.90
N LYS B 163 12.22 14.90 23.09
CA LYS B 163 13.22 13.95 23.55
C LYS B 163 13.32 12.72 22.64
N LYS B 164 12.17 12.14 22.32
CA LYS B 164 12.09 10.95 21.47
C LYS B 164 12.67 11.22 20.08
N GLU B 165 12.36 12.40 19.54
CA GLU B 165 12.85 12.80 18.22
C GLU B 165 14.36 12.93 18.23
N LEU B 166 14.88 13.58 19.26
CA LEU B 166 16.31 13.76 19.38
C LEU B 166 16.97 12.41 19.58
N ARG B 167 16.33 11.53 20.34
CA ARG B 167 16.87 10.18 20.58
C ARG B 167 16.92 9.44 19.24
N LYS B 168 15.92 9.69 18.41
CA LYS B 168 15.81 9.07 17.11
C LYS B 168 16.94 9.50 16.16
N ILE B 169 17.54 10.66 16.41
CA ILE B 169 18.62 11.13 15.55
C ILE B 169 20.00 10.77 16.09
N GLY B 170 20.03 10.07 17.21
CA GLY B 170 21.31 9.68 17.79
C GLY B 170 21.73 10.50 18.98
N ASP B 171 20.86 11.39 19.44
CA ASP B 171 21.16 12.21 20.61
C ASP B 171 20.52 11.54 21.83
N GLU B 172 21.33 10.83 22.62
CA GLU B 172 20.82 10.18 23.81
C GLU B 172 21.34 10.90 25.04
N VAL B 173 21.56 12.19 24.91
CA VAL B 173 22.07 13.01 26.00
C VAL B 173 21.11 14.12 26.41
N THR B 174 20.71 14.95 25.45
CA THR B 174 19.79 16.06 25.68
C THR B 174 18.52 15.54 26.36
N ASN B 175 18.18 16.16 27.50
CA ASN B 175 17.03 15.71 28.27
C ASN B 175 15.95 16.75 28.54
N PRO B 176 15.15 17.10 27.54
CA PRO B 176 14.10 18.11 27.75
C PRO B 176 12.96 17.55 28.61
N GLU B 177 12.55 18.32 29.61
CA GLU B 177 11.46 17.92 30.51
C GLU B 177 10.40 19.01 30.72
N ARG B 178 10.79 20.27 30.57
CA ARG B 178 9.86 21.37 30.80
C ARG B 178 9.75 22.45 29.73
N PHE B 179 8.71 23.28 29.90
CA PHE B 179 8.42 24.41 29.01
C PHE B 179 9.16 25.63 29.57
N GLU B 180 9.05 26.74 28.85
CA GLU B 180 9.67 28.00 29.27
C GLU B 180 8.70 28.67 30.25
N PRO B 181 9.21 29.35 31.28
CA PRO B 181 10.62 29.56 31.60
C PRO B 181 11.19 28.60 32.65
N GLU B 182 10.39 27.65 33.11
CA GLU B 182 10.85 26.73 34.15
C GLU B 182 12.05 25.86 33.77
N LEU B 183 12.16 25.48 32.50
CA LEU B 183 13.27 24.65 32.03
C LEU B 183 14.66 25.19 32.43
N ASN B 184 14.73 26.47 32.80
CA ASN B 184 15.99 27.08 33.22
C ASN B 184 16.30 26.72 34.68
N GLU B 185 15.28 26.22 35.37
CA GLU B 185 15.38 25.81 36.77
C GLU B 185 16.13 24.49 36.92
N VAL B 186 17.47 24.54 36.86
CA VAL B 186 18.25 23.32 36.99
C VAL B 186 19.32 23.47 38.08
N ASN B 187 19.39 22.48 38.98
CA ASN B 187 20.37 22.52 40.05
C ASN B 187 21.52 21.55 39.84
N PRO B 188 22.67 21.83 40.47
CA PRO B 188 23.88 21.00 40.37
C PRO B 188 23.60 19.53 40.55
N GLY B 189 24.03 18.73 39.58
CA GLY B 189 23.83 17.30 39.66
C GLY B 189 22.56 16.78 38.99
N GLU B 190 21.70 17.69 38.54
CA GLU B 190 20.46 17.28 37.88
C GLU B 190 20.67 17.18 36.40
N THR B 191 19.93 16.29 35.75
CA THR B 191 20.06 16.12 34.31
C THR B 191 18.85 16.68 33.59
N GLN B 192 17.81 17.04 34.33
CA GLN B 192 16.60 17.60 33.72
C GLN B 192 16.96 18.88 32.97
N ASP B 193 16.55 18.95 31.71
CA ASP B 193 16.81 20.12 30.87
C ASP B 193 18.29 20.44 30.68
N THR B 194 19.13 19.40 30.66
CA THR B 194 20.56 19.56 30.46
C THR B 194 21.01 18.80 29.21
N SER B 195 22.23 19.07 28.78
CA SER B 195 22.84 18.38 27.65
C SER B 195 24.32 18.69 27.79
N THR B 196 25.11 18.31 26.79
CA THR B 196 26.55 18.57 26.83
C THR B 196 26.93 19.33 25.57
N ALA B 197 28.14 19.86 25.53
CA ALA B 197 28.58 20.61 24.37
C ALA B 197 28.62 19.70 23.14
N ARG B 198 29.12 18.48 23.33
CA ARG B 198 29.21 17.55 22.22
C ARG B 198 27.83 17.19 21.64
N ALA B 199 26.87 16.92 22.53
CA ALA B 199 25.52 16.56 22.11
C ALA B 199 24.76 17.68 21.41
N LEU B 200 24.78 18.87 22.01
CA LEU B 200 24.09 20.02 21.42
C LEU B 200 24.70 20.38 20.07
N ALA B 201 26.02 20.27 19.95
CA ALA B 201 26.70 20.58 18.69
C ALA B 201 26.32 19.57 17.61
N THR B 202 26.33 18.29 17.99
CA THR B 202 26.01 17.22 17.05
C THR B 202 24.55 17.26 16.60
N SER B 203 23.65 17.60 17.50
CA SER B 203 22.23 17.70 17.15
C SER B 203 21.99 18.89 16.24
N LEU B 204 22.68 19.99 16.51
CA LEU B 204 22.54 21.17 15.68
C LEU B 204 23.08 20.86 14.28
N GLN B 205 24.18 20.12 14.22
CA GLN B 205 24.80 19.73 12.96
C GLN B 205 23.87 18.79 12.18
N ALA B 206 23.25 17.86 12.88
CA ALA B 206 22.34 16.90 12.26
C ALA B 206 21.19 17.60 11.51
N PHE B 207 20.58 18.59 12.16
CA PHE B 207 19.46 19.32 11.57
C PHE B 207 19.83 20.40 10.53
N ALA B 208 20.89 21.15 10.81
CA ALA B 208 21.29 22.22 9.91
C ALA B 208 22.29 21.85 8.83
N LEU B 209 23.12 20.85 9.08
CA LEU B 209 24.11 20.46 8.08
C LEU B 209 23.84 19.10 7.47
N GLU B 210 23.48 18.13 8.31
CA GLU B 210 23.22 16.77 7.82
C GLU B 210 21.96 16.66 6.97
N ASP B 211 21.52 15.42 6.76
CA ASP B 211 20.35 15.13 5.93
C ASP B 211 19.05 14.96 6.69
N LYS B 212 19.09 15.06 8.02
CA LYS B 212 17.89 14.92 8.83
C LYS B 212 16.76 15.75 8.25
N LEU B 213 17.10 16.91 7.68
CA LEU B 213 16.12 17.79 7.07
C LEU B 213 16.46 18.00 5.59
N PRO B 214 15.44 18.26 4.75
CA PRO B 214 15.64 18.49 3.32
C PRO B 214 16.21 19.89 3.01
N SER B 215 16.98 19.97 1.92
CA SER B 215 17.61 21.23 1.50
C SER B 215 16.80 22.50 1.76
N GLU B 216 15.53 22.47 1.39
CA GLU B 216 14.66 23.62 1.55
C GLU B 216 14.42 23.97 3.03
N LYS B 217 14.12 22.97 3.84
CA LYS B 217 13.86 23.19 5.26
C LYS B 217 15.16 23.55 5.99
N ARG B 218 16.23 22.86 5.61
CA ARG B 218 17.55 23.07 6.19
C ARG B 218 17.98 24.54 6.05
N GLU B 219 17.73 25.12 4.88
CA GLU B 219 18.09 26.51 4.61
C GLU B 219 17.22 27.46 5.43
N LEU B 220 16.02 27.00 5.78
CA LEU B 220 15.11 27.79 6.59
C LEU B 220 15.74 27.99 7.96
N LEU B 221 16.25 26.89 8.52
CA LEU B 221 16.88 26.89 9.83
C LEU B 221 18.10 27.81 9.85
N ILE B 222 19.00 27.62 8.88
CA ILE B 222 20.20 28.45 8.81
C ILE B 222 19.90 29.94 8.73
N ASP B 223 18.91 30.31 7.90
CA ASP B 223 18.54 31.71 7.73
C ASP B 223 18.10 32.36 9.04
N TRP B 224 17.20 31.71 9.75
CA TRP B 224 16.72 32.25 11.03
C TRP B 224 17.86 32.48 12.00
N MET B 225 18.69 31.45 12.18
CA MET B 225 19.82 31.54 13.10
C MET B 225 20.87 32.54 12.64
N LYS B 226 21.04 32.67 11.33
CA LYS B 226 21.99 33.64 10.79
C LYS B 226 21.51 35.03 11.14
N ARG B 227 20.18 35.19 11.16
CA ARG B 227 19.55 36.47 11.49
C ARG B 227 19.14 36.60 12.95
N ASN B 228 19.79 35.83 13.83
CA ASN B 228 19.49 35.90 15.26
C ASN B 228 19.88 37.30 15.73
N THR B 229 19.03 37.90 16.55
CA THR B 229 19.30 39.25 17.03
C THR B 229 19.86 39.29 18.45
N THR B 230 19.90 38.15 19.13
CA THR B 230 20.36 38.11 20.51
C THR B 230 21.79 37.66 20.81
N GLY B 231 22.61 37.38 19.80
CA GLY B 231 23.94 36.90 20.12
C GLY B 231 25.18 37.68 19.75
N ASP B 232 25.02 38.99 19.50
CA ASP B 232 26.15 39.82 19.09
C ASP B 232 27.38 39.79 20.01
N ALA B 233 27.17 39.55 21.31
CA ALA B 233 28.29 39.54 22.25
C ALA B 233 28.91 38.18 22.53
N LEU B 234 28.38 37.12 21.93
CA LEU B 234 28.92 35.80 22.19
C LEU B 234 29.84 35.26 21.09
N ILE B 235 29.42 34.21 20.40
CA ILE B 235 30.26 33.63 19.36
C ILE B 235 30.58 34.64 18.24
N ARG B 236 29.59 35.44 17.84
CA ARG B 236 29.81 36.43 16.78
C ARG B 236 30.96 37.35 17.16
N ALA B 237 31.09 37.62 18.46
CA ALA B 237 32.15 38.50 18.96
C ALA B 237 33.53 37.85 19.01
N GLY B 238 33.59 36.53 18.82
CA GLY B 238 34.88 35.85 18.86
C GLY B 238 35.40 35.27 17.57
N VAL B 239 34.73 35.55 16.46
CA VAL B 239 35.15 35.04 15.16
C VAL B 239 35.73 36.18 14.32
N PRO B 240 36.71 35.86 13.45
CA PRO B 240 37.33 36.89 12.60
C PRO B 240 36.31 37.54 11.67
N GLU B 241 36.69 38.68 11.09
CA GLU B 241 35.83 39.42 10.17
C GLU B 241 35.55 38.54 8.94
N GLY B 242 34.40 38.74 8.31
CA GLY B 242 34.08 37.96 7.13
C GLY B 242 33.54 36.56 7.39
N TRP B 243 33.50 36.16 8.66
CA TRP B 243 32.98 34.85 9.02
C TRP B 243 31.48 34.97 9.29
N GLU B 244 30.70 34.08 8.68
CA GLU B 244 29.25 34.08 8.86
C GLU B 244 28.90 33.22 10.08
N VAL B 245 27.90 33.64 10.84
CA VAL B 245 27.50 32.91 12.03
C VAL B 245 26.01 32.67 12.08
N ALA B 246 25.63 31.46 12.46
CA ALA B 246 24.22 31.09 12.61
C ALA B 246 24.17 30.54 14.02
N ASP B 247 23.56 31.27 14.95
CA ASP B 247 23.54 30.82 16.34
C ASP B 247 22.24 30.95 17.12
N LYS B 248 22.23 30.34 18.30
CA LYS B 248 21.12 30.41 19.24
C LYS B 248 21.76 30.49 20.63
N THR B 249 21.44 31.56 21.34
CA THR B 249 21.98 31.79 22.66
C THR B 249 21.09 31.24 23.77
N GLY B 250 21.62 31.18 24.98
CA GLY B 250 20.86 30.70 26.11
C GLY B 250 21.42 31.23 27.40
N ALA B 251 20.55 31.39 28.40
CA ALA B 251 20.94 31.88 29.73
C ALA B 251 20.00 31.24 30.74
N GLY B 252 20.57 30.71 31.82
CA GLY B 252 19.75 30.07 32.84
C GLY B 252 20.26 30.38 34.23
N SER B 253 19.85 29.58 35.21
CA SER B 253 20.27 29.80 36.60
C SER B 253 21.71 29.38 36.78
N TYR B 254 22.28 29.71 37.93
CA TYR B 254 23.67 29.42 38.23
C TYR B 254 24.61 30.08 37.23
N GLY B 255 24.17 31.21 36.68
CA GLY B 255 24.97 31.95 35.72
C GLY B 255 25.31 31.18 34.47
N THR B 256 24.36 30.37 34.00
CA THR B 256 24.57 29.59 32.80
C THR B 256 24.38 30.51 31.60
N ARG B 257 25.40 30.55 30.74
CA ARG B 257 25.39 31.36 29.53
C ARG B 257 25.95 30.47 28.42
N ASN B 258 25.11 30.20 27.42
CA ASN B 258 25.49 29.33 26.31
C ASN B 258 25.28 29.95 24.95
N ASP B 259 25.87 29.34 23.95
CA ASP B 259 25.73 29.76 22.57
C ASP B 259 26.18 28.59 21.70
N ILE B 260 25.34 28.20 20.75
CA ILE B 260 25.67 27.12 19.84
C ILE B 260 25.50 27.67 18.43
N ALA B 261 26.41 27.33 17.53
CA ALA B 261 26.34 27.86 16.17
C ALA B 261 27.05 27.07 15.11
N ILE B 262 26.76 27.44 13.86
CA ILE B 262 27.43 26.88 12.70
C ILE B 262 28.10 28.14 12.15
N ILE B 263 29.41 28.09 12.01
CA ILE B 263 30.16 29.23 11.52
C ILE B 263 30.85 28.89 10.19
N TRP B 264 30.93 29.89 9.31
CA TRP B 264 31.55 29.72 8.00
C TRP B 264 32.72 30.67 7.75
N PRO B 265 33.92 30.11 7.57
CA PRO B 265 35.09 30.97 7.32
C PRO B 265 34.85 31.63 5.96
N PRO B 266 35.61 32.68 5.62
CA PRO B 266 35.42 33.33 4.33
C PRO B 266 35.39 32.32 3.19
N LYS B 267 36.26 31.32 3.28
CA LYS B 267 36.32 30.25 2.28
C LYS B 267 36.74 28.95 2.96
N GLY B 268 35.78 28.04 3.10
CA GLY B 268 36.06 26.76 3.73
C GLY B 268 34.80 26.11 4.24
N ASP B 269 34.94 24.86 4.69
CA ASP B 269 33.81 24.10 5.23
C ASP B 269 33.35 24.67 6.57
N PRO B 270 32.05 24.54 6.87
CA PRO B 270 31.45 25.03 8.11
C PRO B 270 32.00 24.40 9.38
N VAL B 271 31.98 25.17 10.47
CA VAL B 271 32.44 24.68 11.76
C VAL B 271 31.21 24.65 12.69
N VAL B 272 31.01 23.53 13.36
CA VAL B 272 29.90 23.39 14.30
C VAL B 272 30.48 23.66 15.67
N LEU B 273 29.85 24.56 16.42
CA LEU B 273 30.38 24.91 17.74
C LEU B 273 29.33 25.14 18.81
N ALA B 274 29.63 24.63 20.01
CA ALA B 274 28.77 24.83 21.17
C ALA B 274 29.68 25.31 22.30
N VAL B 275 29.36 26.45 22.88
CA VAL B 275 30.16 26.94 24.00
C VAL B 275 29.17 27.07 25.15
N LEU B 276 29.39 26.30 26.21
CA LEU B 276 28.51 26.30 27.37
C LEU B 276 29.29 26.74 28.60
N SER B 277 28.61 27.36 29.56
CA SER B 277 29.27 27.81 30.76
C SER B 277 28.29 27.92 31.91
N SER B 278 28.82 27.78 33.12
CA SER B 278 27.99 27.88 34.31
C SER B 278 28.86 28.23 35.50
N ARG B 279 28.21 28.65 36.58
CA ARG B 279 28.90 29.02 37.80
C ARG B 279 28.16 28.28 38.93
N ASP B 280 28.78 28.19 40.11
CA ASP B 280 28.15 27.45 41.21
C ASP B 280 27.08 28.18 42.03
N LYS B 281 27.10 29.51 42.05
CA LYS B 281 26.11 30.28 42.80
C LYS B 281 24.83 30.35 41.97
N LYS B 282 23.74 29.79 42.49
CA LYS B 282 22.47 29.79 41.76
C LYS B 282 22.09 31.13 41.13
N ASP B 283 22.39 32.23 41.81
CA ASP B 283 22.07 33.55 41.30
C ASP B 283 23.32 34.27 40.78
N ALA B 284 24.34 33.48 40.46
CA ALA B 284 25.60 34.00 39.95
C ALA B 284 25.27 34.71 38.64
N LYS B 285 26.04 35.76 38.34
CA LYS B 285 25.86 36.53 37.11
C LYS B 285 26.81 36.05 36.02
N TYR B 286 26.37 36.07 34.77
CA TYR B 286 27.22 35.64 33.66
C TYR B 286 27.84 36.82 32.90
N ASP B 287 28.94 36.54 32.21
CA ASP B 287 29.62 37.56 31.43
C ASP B 287 29.78 37.03 30.00
N ASP B 288 29.14 37.70 29.04
CA ASP B 288 29.22 37.29 27.66
C ASP B 288 30.67 37.18 27.19
N LYS B 289 31.55 38.03 27.74
CA LYS B 289 32.96 38.02 27.34
C LYS B 289 33.65 36.68 27.51
N LEU B 290 33.12 35.84 28.39
CA LEU B 290 33.71 34.51 28.58
C LEU B 290 33.49 33.69 27.29
N ILE B 291 32.27 33.76 26.74
CA ILE B 291 31.95 33.01 25.53
C ILE B 291 32.69 33.55 24.32
N ALA B 292 32.75 34.88 24.20
CA ALA B 292 33.44 35.50 23.07
C ALA B 292 34.92 35.10 23.08
N GLU B 293 35.53 35.09 24.27
CA GLU B 293 36.94 34.73 24.40
C GLU B 293 37.17 33.24 24.15
N ALA B 294 36.26 32.40 24.64
CA ALA B 294 36.42 30.96 24.42
C ALA B 294 36.41 30.65 22.92
N THR B 295 35.55 31.37 22.18
CA THR B 295 35.40 31.22 20.73
C THR B 295 36.72 31.58 20.06
N LYS B 296 37.35 32.65 20.55
CA LYS B 296 38.62 33.09 20.00
C LYS B 296 39.63 31.96 20.09
N VAL B 297 39.68 31.30 21.26
CA VAL B 297 40.60 30.18 21.47
C VAL B 297 40.32 29.05 20.46
N VAL B 298 39.05 28.68 20.31
CA VAL B 298 38.65 27.63 19.36
C VAL B 298 39.11 28.03 17.95
N VAL B 299 38.80 29.25 17.54
CA VAL B 299 39.19 29.74 16.21
C VAL B 299 40.71 29.63 16.02
N LYS B 300 41.47 30.23 16.91
CA LYS B 300 42.90 30.10 16.77
C LYS B 300 43.41 28.65 16.77
N ALA B 301 42.82 27.79 17.61
CA ALA B 301 43.22 26.39 17.68
C ALA B 301 43.00 25.68 16.35
N LEU B 302 41.85 25.91 15.74
CA LEU B 302 41.56 25.29 14.46
C LEU B 302 42.38 25.97 13.39
N ASN B 303 42.07 27.15 13.05
C1 ICT C . -29.31 -29.82 -21.23
O1 ICT C . -28.66 -28.77 -21.34
O2 ICT C . -28.89 -30.91 -21.58
C2 ICT C . -30.72 -29.77 -20.63
O7 ICT C . -31.65 -29.42 -21.67
C3 ICT C . -30.90 -28.84 -19.45
C4 ICT C . -30.58 -27.42 -19.87
C5 ICT C . -30.03 -26.47 -19.02
O3 ICT C . -28.88 -26.01 -19.19
O4 ICT C . -30.72 -26.11 -18.09
C6 ICT C . -30.07 -29.31 -18.18
O5 ICT C . -28.84 -29.26 -18.25
O6 ICT C . -30.71 -29.68 -17.16
#